data_4U8F
#
_entry.id   4U8F
#
_cell.length_a   92.955
_cell.length_b   92.955
_cell.length_c   129.350
_cell.angle_alpha   90.00
_cell.angle_beta   90.00
_cell.angle_gamma   90.00
#
_symmetry.space_group_name_H-M   'P 41 21 2'
#
loop_
_entity.id
_entity.type
_entity.pdbx_description
1 polymer 'Putative uncharacterized protein gbs1892'
2 non-polymer 'L(+)-TARTARIC ACID'
3 water water
#
_entity_poly.entity_id   1
_entity_poly.type   'polypeptide(L)'
_entity_poly.pdbx_seq_one_letter_code
;MKIALINENSQASKNTIIYKELKAVSDEKGFEVFNYGMYGKEEESQLTYVQNGLLTAILLNSGAADFVITGCGAGIGAML
ACNSFPGVVCGFAADPVDAYLFSQVNGGNALSLPFAKGFGWGAELNLRYLFERLFEDEKGGGYPKERAVPEQRNARILSE
IKQITYRDLLSVLKEIDQDFLKETISGEHFQEYFFANCQNQNIADYLKSVLDLEHHHHHH
;
_entity_poly.pdbx_strand_id   A,B
#
loop_
_chem_comp.id
_chem_comp.type
_chem_comp.name
_chem_comp.formula
TLA non-polymer 'L(+)-TARTARIC ACID' 'C4 H6 O6'
#
# COMPACT_ATOMS: atom_id res chain seq x y z
N MET A 1 3.63 0.21 -24.71
CA MET A 1 3.61 0.16 -23.23
C MET A 1 5.02 0.00 -22.68
N LYS A 2 5.39 0.88 -21.75
CA LYS A 2 6.74 0.94 -21.21
C LYS A 2 6.74 0.50 -19.75
N ILE A 3 7.49 -0.57 -19.46
CA ILE A 3 7.58 -1.12 -18.11
C ILE A 3 8.96 -0.84 -17.53
N ALA A 4 8.97 -0.27 -16.32
CA ALA A 4 10.22 -0.04 -15.60
C ALA A 4 10.40 -1.06 -14.47
N LEU A 5 11.63 -1.52 -14.29
CA LEU A 5 12.00 -2.38 -13.18
C LEU A 5 12.93 -1.63 -12.22
N ILE A 6 12.59 -1.68 -10.93
CA ILE A 6 13.37 -1.00 -9.90
C ILE A 6 13.62 -1.94 -8.74
N ASN A 7 14.90 -2.09 -8.37
CA ASN A 7 15.30 -2.89 -7.21
C ASN A 7 16.04 -2.03 -6.20
N GLU A 8 15.80 -2.30 -4.91
CA GLU A 8 16.59 -1.69 -3.85
C GLU A 8 17.78 -2.57 -3.46
N ASN A 9 18.54 -2.15 -2.45
CA ASN A 9 19.84 -2.75 -2.20
C ASN A 9 19.84 -4.19 -1.71
N SER A 10 18.86 -4.54 -0.88
CA SER A 10 18.86 -5.88 -0.28
C SER A 10 18.58 -6.98 -1.31
N GLN A 11 17.82 -6.64 -2.35
CA GLN A 11 17.45 -7.62 -3.38
C GLN A 11 18.12 -7.35 -4.73
N ALA A 12 19.11 -6.47 -4.75
CA ALA A 12 19.80 -6.09 -5.98
C ALA A 12 20.41 -7.30 -6.71
N SER A 13 20.86 -8.29 -5.94
CA SER A 13 21.46 -9.50 -6.51
C SER A 13 20.47 -10.29 -7.36
N LYS A 14 19.18 -10.02 -7.19
CA LYS A 14 18.14 -10.73 -7.92
C LYS A 14 17.63 -9.99 -9.15
N ASN A 15 18.16 -8.78 -9.36
CA ASN A 15 17.77 -7.97 -10.52
C ASN A 15 17.88 -8.70 -11.86
N THR A 16 18.97 -9.44 -12.07
CA THR A 16 19.15 -10.20 -13.31
CA THR A 16 19.16 -10.20 -13.30
C THR A 16 18.09 -11.29 -13.47
N ILE A 17 17.75 -11.96 -12.37
CA ILE A 17 16.73 -13.02 -12.38
C ILE A 17 15.35 -12.44 -12.74
N ILE A 18 14.98 -11.34 -12.08
CA ILE A 18 13.70 -10.70 -12.31
C ILE A 18 13.61 -10.15 -13.74
N TYR A 19 14.66 -9.45 -14.16
CA TYR A 19 14.71 -8.86 -15.49
C TYR A 19 14.54 -9.91 -16.58
N LYS A 20 15.22 -11.05 -16.42
CA LYS A 20 15.14 -12.12 -17.42
C LYS A 20 13.69 -12.51 -17.70
N GLU A 21 12.91 -12.70 -16.64
CA GLU A 21 11.52 -13.13 -16.81
C GLU A 21 10.62 -12.00 -17.30
N LEU A 22 10.81 -10.79 -16.77
CA LEU A 22 10.05 -9.63 -17.21
C LEU A 22 10.28 -9.34 -18.69
N LYS A 23 11.53 -9.44 -19.12
CA LYS A 23 11.90 -9.19 -20.51
C LYS A 23 11.31 -10.25 -21.44
N ALA A 24 11.35 -11.51 -21.02
CA ALA A 24 10.78 -12.61 -21.79
C ALA A 24 9.29 -12.38 -22.04
N VAL A 25 8.54 -12.06 -21.00
CA VAL A 25 7.10 -11.81 -21.13
C VAL A 25 6.84 -10.57 -21.99
N SER A 26 7.61 -9.52 -21.74
CA SER A 26 7.44 -8.26 -22.45
C SER A 26 7.76 -8.38 -23.94
N ASP A 27 8.77 -9.18 -24.28
CA ASP A 27 9.15 -9.39 -25.68
C ASP A 27 8.05 -10.10 -26.46
N GLU A 28 7.41 -11.08 -25.82
CA GLU A 28 6.31 -11.83 -26.42
C GLU A 28 5.12 -10.90 -26.69
N LYS A 29 4.92 -9.93 -25.78
CA LYS A 29 3.78 -9.02 -25.86
C LYS A 29 4.05 -7.72 -26.61
N GLY A 30 5.33 -7.47 -26.92
CA GLY A 30 5.72 -6.26 -27.63
C GLY A 30 5.83 -5.03 -26.75
N PHE A 31 6.10 -5.24 -25.46
CA PHE A 31 6.29 -4.14 -24.51
C PHE A 31 7.77 -3.77 -24.42
N GLU A 32 8.04 -2.54 -24.00
CA GLU A 32 9.40 -2.09 -23.74
C GLU A 32 9.71 -2.23 -22.25
N VAL A 33 10.91 -2.71 -21.92
CA VAL A 33 11.35 -2.79 -20.53
C VAL A 33 12.56 -1.89 -20.31
N PHE A 34 12.49 -1.08 -19.26
CA PHE A 34 13.61 -0.26 -18.85
C PHE A 34 14.06 -0.71 -17.47
N ASN A 35 15.25 -1.28 -17.40
CA ASN A 35 15.81 -1.71 -16.12
C ASN A 35 16.56 -0.55 -15.49
N TYR A 36 15.93 0.07 -14.49
CA TYR A 36 16.52 1.21 -13.80
C TYR A 36 17.44 0.78 -12.65
N GLY A 37 17.64 -0.53 -12.49
CA GLY A 37 18.44 -1.05 -11.40
C GLY A 37 17.71 -0.94 -10.06
N MET A 38 18.38 -1.23 -8.95
CA MET A 38 19.79 -1.61 -8.88
C MET A 38 20.07 -2.92 -9.61
N TYR A 39 21.33 -3.07 -10.04
CA TYR A 39 21.71 -4.15 -10.95
C TYR A 39 22.46 -5.29 -10.28
N GLY A 40 22.85 -5.10 -9.02
CA GLY A 40 23.72 -6.06 -8.34
C GLY A 40 25.12 -5.89 -8.88
N LYS A 41 25.56 -4.63 -8.94
CA LYS A 41 26.85 -4.24 -9.47
C LYS A 41 27.64 -3.58 -8.36
N GLU A 42 28.84 -4.09 -8.09
CA GLU A 42 29.68 -3.52 -7.03
C GLU A 42 29.90 -2.03 -7.26
N GLU A 43 29.74 -1.26 -6.19
CA GLU A 43 30.00 0.19 -6.18
C GLU A 43 28.92 1.03 -6.86
N GLU A 44 27.82 0.41 -7.27
CA GLU A 44 26.74 1.12 -7.97
C GLU A 44 25.99 2.08 -7.04
N SER A 45 25.30 3.04 -7.66
CA SER A 45 24.41 3.95 -6.94
CA SER A 45 24.41 3.95 -6.93
C SER A 45 23.34 3.15 -6.22
N GLN A 46 23.08 3.51 -4.96
CA GLN A 46 22.20 2.70 -4.10
CA GLN A 46 22.22 2.72 -4.06
C GLN A 46 20.79 3.26 -3.96
N LEU A 47 19.84 2.35 -3.82
CA LEU A 47 18.43 2.70 -3.58
C LEU A 47 17.93 1.90 -2.39
N THR A 48 17.19 2.56 -1.49
CA THR A 48 16.42 1.85 -0.47
C THR A 48 15.01 1.65 -1.00
N TYR A 49 14.20 0.85 -0.31
CA TYR A 49 12.82 0.66 -0.75
C TYR A 49 12.02 1.97 -0.74
N VAL A 50 12.43 2.91 0.11
CA VAL A 50 11.77 4.22 0.16
C VAL A 50 12.08 4.99 -1.13
N GLN A 51 13.34 4.94 -1.56
CA GLN A 51 13.74 5.56 -2.81
C GLN A 51 13.10 4.88 -4.03
N ASN A 52 12.87 3.57 -3.95
CA ASN A 52 12.09 2.87 -4.97
C ASN A 52 10.74 3.55 -5.16
N GLY A 53 10.10 3.91 -4.05
CA GLY A 53 8.79 4.58 -4.09
C GLY A 53 8.86 5.92 -4.79
N LEU A 54 9.86 6.72 -4.43
CA LEU A 54 10.08 8.02 -5.05
C LEU A 54 10.37 7.89 -6.55
N LEU A 55 11.24 6.96 -6.92
CA LEU A 55 11.57 6.74 -8.32
C LEU A 55 10.36 6.28 -9.12
N THR A 56 9.58 5.37 -8.54
CA THR A 56 8.32 4.91 -9.12
C THR A 56 7.38 6.08 -9.39
N ALA A 57 7.25 6.97 -8.42
CA ALA A 57 6.42 8.16 -8.57
C ALA A 57 6.92 9.06 -9.70
N ILE A 58 8.23 9.24 -9.78
CA ILE A 58 8.83 10.07 -10.83
C ILE A 58 8.56 9.47 -12.21
N LEU A 59 8.79 8.16 -12.36
CA LEU A 59 8.61 7.51 -13.65
C LEU A 59 7.16 7.49 -14.14
N LEU A 60 6.22 7.21 -13.23
CA LEU A 60 4.82 7.13 -13.61
C LEU A 60 4.20 8.51 -13.88
N ASN A 61 4.43 9.47 -12.98
CA ASN A 61 3.87 10.81 -13.14
C ASN A 61 4.41 11.55 -14.36
N SER A 62 5.69 11.32 -14.66
CA SER A 62 6.32 11.92 -15.83
C SER A 62 5.91 11.25 -17.14
N GLY A 63 5.35 10.04 -17.06
CA GLY A 63 5.02 9.26 -18.24
C GLY A 63 6.20 8.49 -18.83
N ALA A 64 7.36 8.56 -18.16
CA ALA A 64 8.54 7.82 -18.61
C ALA A 64 8.33 6.31 -18.57
N ALA A 65 7.43 5.86 -17.68
CA ALA A 65 6.98 4.47 -17.64
C ALA A 65 5.46 4.43 -17.50
N ASP A 66 4.84 3.38 -18.03
CA ASP A 66 3.40 3.16 -17.90
C ASP A 66 3.08 2.20 -16.77
N PHE A 67 4.04 1.35 -16.44
CA PHE A 67 3.90 0.39 -15.36
C PHE A 67 5.26 0.18 -14.69
N VAL A 68 5.27 0.02 -13.37
CA VAL A 68 6.50 -0.24 -12.63
C VAL A 68 6.43 -1.58 -11.89
N ILE A 69 7.45 -2.40 -12.09
CA ILE A 69 7.66 -3.59 -11.26
C ILE A 69 8.76 -3.24 -10.25
N THR A 70 8.45 -3.42 -8.97
CA THR A 70 9.45 -3.22 -7.93
C THR A 70 9.23 -4.24 -6.81
N GLY A 71 9.91 -4.03 -5.69
CA GLY A 71 9.74 -4.89 -4.52
C GLY A 71 10.90 -4.77 -3.58
N CYS A 72 10.96 -5.69 -2.63
CA CYS A 72 12.02 -5.76 -1.63
C CYS A 72 11.96 -7.15 -1.02
N GLY A 73 12.54 -7.35 0.16
CA GLY A 73 12.57 -8.68 0.78
C GLY A 73 11.20 -9.34 0.89
N ALA A 74 10.27 -8.63 1.51
CA ALA A 74 8.91 -9.12 1.69
C ALA A 74 7.90 -8.39 0.79
N GLY A 75 8.35 -7.33 0.12
CA GLY A 75 7.50 -6.60 -0.83
C GLY A 75 6.61 -5.52 -0.24
N ILE A 76 6.46 -5.51 1.08
CA ILE A 76 5.56 -4.57 1.74
C ILE A 76 6.16 -3.16 1.86
N GLY A 77 7.43 -3.07 2.21
CA GLY A 77 8.10 -1.78 2.32
C GLY A 77 7.95 -0.95 1.04
N ALA A 78 8.31 -1.55 -0.09
CA ALA A 78 8.23 -0.84 -1.37
C ALA A 78 6.78 -0.45 -1.71
N MET A 79 5.84 -1.33 -1.39
CA MET A 79 4.41 -1.06 -1.57
CA MET A 79 4.41 -1.05 -1.59
C MET A 79 3.99 0.19 -0.78
N LEU A 80 4.41 0.23 0.48
CA LEU A 80 4.09 1.36 1.35
C LEU A 80 4.67 2.68 0.85
N ALA A 81 5.92 2.63 0.38
CA ALA A 81 6.59 3.82 -0.17
C ALA A 81 5.99 4.28 -1.48
N CYS A 82 5.76 3.36 -2.41
CA CYS A 82 5.13 3.69 -3.69
C CYS A 82 3.78 4.38 -3.48
N ASN A 83 2.98 3.85 -2.56
CA ASN A 83 1.64 4.38 -2.30
C ASN A 83 1.61 5.65 -1.46
N SER A 84 2.79 6.17 -1.12
CA SER A 84 2.89 7.43 -0.38
C SER A 84 3.00 8.65 -1.30
N PHE A 85 2.91 8.42 -2.60
CA PHE A 85 3.02 9.48 -3.60
C PHE A 85 1.77 9.55 -4.45
N PRO A 86 1.44 10.75 -4.96
CA PRO A 86 0.33 10.84 -5.91
C PRO A 86 0.68 10.19 -7.24
N GLY A 87 -0.34 9.78 -7.98
CA GLY A 87 -0.17 9.21 -9.31
C GLY A 87 0.34 7.79 -9.33
N VAL A 88 0.36 7.14 -8.17
CA VAL A 88 0.83 5.74 -8.06
C VAL A 88 -0.24 4.86 -7.41
N VAL A 89 -0.58 3.76 -8.08
CA VAL A 89 -1.42 2.72 -7.50
C VAL A 89 -0.62 1.42 -7.53
N CYS A 90 -0.02 1.09 -6.39
CA CYS A 90 0.91 -0.03 -6.30
C CYS A 90 0.32 -1.20 -5.53
N GLY A 91 0.14 -2.33 -6.21
CA GLY A 91 -0.36 -3.53 -5.57
C GLY A 91 0.74 -4.38 -5.00
N PHE A 92 0.35 -5.57 -4.56
CA PHE A 92 1.25 -6.59 -4.08
C PHE A 92 0.80 -7.91 -4.69
N ALA A 93 1.74 -8.78 -5.02
CA ALA A 93 1.40 -10.12 -5.52
C ALA A 93 2.40 -11.17 -5.04
N ALA A 94 1.85 -12.29 -4.57
CA ALA A 94 2.67 -13.45 -4.18
C ALA A 94 2.52 -14.58 -5.20
N ASP A 95 1.39 -14.61 -5.90
CA ASP A 95 1.16 -15.67 -6.89
C ASP A 95 0.50 -15.12 -8.17
N PRO A 96 0.32 -15.97 -9.20
CA PRO A 96 -0.21 -15.44 -10.45
C PRO A 96 -1.67 -14.98 -10.37
N VAL A 97 -2.48 -15.62 -9.51
CA VAL A 97 -3.86 -15.17 -9.30
C VAL A 97 -3.89 -13.74 -8.73
N ASP A 98 -3.01 -13.47 -7.76
CA ASP A 98 -2.86 -12.12 -7.20
C ASP A 98 -2.63 -11.08 -8.30
N ALA A 99 -1.75 -11.39 -9.23
CA ALA A 99 -1.41 -10.47 -10.31
C ALA A 99 -2.59 -10.23 -11.24
N TYR A 100 -3.29 -11.31 -11.61
CA TYR A 100 -4.47 -11.17 -12.45
C TYR A 100 -5.56 -10.34 -11.77
N LEU A 101 -5.83 -10.65 -10.50
CA LEU A 101 -6.84 -9.91 -9.74
C LEU A 101 -6.46 -8.43 -9.57
N PHE A 102 -5.18 -8.15 -9.34
CA PHE A 102 -4.74 -6.76 -9.30
C PHE A 102 -5.08 -6.01 -10.58
N SER A 103 -4.76 -6.62 -11.73
CA SER A 103 -5.03 -6.02 -13.03
CA SER A 103 -5.03 -5.99 -13.02
C SER A 103 -6.52 -5.73 -13.22
N GLN A 104 -7.36 -6.70 -12.83
CA GLN A 104 -8.79 -6.62 -13.08
C GLN A 104 -9.60 -5.84 -12.07
N VAL A 105 -9.24 -5.96 -10.79
CA VAL A 105 -9.99 -5.33 -9.71
C VAL A 105 -9.50 -3.90 -9.47
N ASN A 106 -8.19 -3.73 -9.41
CA ASN A 106 -7.60 -2.43 -9.06
C ASN A 106 -7.15 -1.62 -10.27
N GLY A 107 -6.60 -2.30 -11.28
CA GLY A 107 -6.13 -1.64 -12.50
C GLY A 107 -5.08 -0.59 -12.25
N GLY A 108 -4.16 -0.88 -11.32
CA GLY A 108 -3.10 0.04 -10.96
C GLY A 108 -1.96 0.11 -11.96
N ASN A 109 -0.93 0.87 -11.60
CA ASN A 109 0.20 1.10 -12.49
C ASN A 109 1.55 0.67 -11.91
N ALA A 110 1.53 -0.01 -10.77
CA ALA A 110 2.74 -0.55 -10.17
C ALA A 110 2.43 -1.81 -9.36
N LEU A 111 3.43 -2.69 -9.27
CA LEU A 111 3.29 -3.89 -8.48
C LEU A 111 4.57 -4.13 -7.70
N SER A 112 4.42 -4.34 -6.40
CA SER A 112 5.54 -4.65 -5.52
C SER A 112 5.53 -6.13 -5.18
N LEU A 113 6.70 -6.76 -5.28
CA LEU A 113 6.82 -8.20 -5.14
C LEU A 113 7.80 -8.59 -4.04
N PRO A 114 7.57 -9.74 -3.38
CA PRO A 114 8.53 -10.28 -2.43
C PRO A 114 9.67 -10.99 -3.18
N PHE A 115 10.89 -10.50 -3.01
CA PHE A 115 12.03 -11.11 -3.70
C PHE A 115 12.89 -11.97 -2.78
N ALA A 116 12.53 -12.05 -1.51
CA ALA A 116 13.23 -12.90 -0.55
C ALA A 116 12.30 -13.85 0.21
N LYS A 117 11.25 -13.30 0.82
CA LYS A 117 10.27 -14.13 1.53
C LYS A 117 9.55 -15.01 0.50
N GLY A 118 9.63 -16.32 0.70
CA GLY A 118 9.04 -17.29 -0.23
C GLY A 118 9.80 -17.47 -1.54
N PHE A 119 10.98 -16.87 -1.65
CA PHE A 119 11.73 -16.87 -2.90
C PHE A 119 12.81 -17.96 -2.91
N GLY A 120 12.44 -19.14 -3.42
CA GLY A 120 13.37 -20.27 -3.53
C GLY A 120 13.30 -20.94 -4.89
N TRP A 121 13.39 -22.26 -4.91
CA TRP A 121 13.24 -23.05 -6.14
C TRP A 121 11.96 -22.66 -6.87
N GLY A 122 12.10 -22.38 -8.16
CA GLY A 122 10.95 -22.06 -9.00
C GLY A 122 10.37 -20.67 -8.81
N ALA A 123 11.02 -19.85 -7.97
CA ALA A 123 10.55 -18.48 -7.77
C ALA A 123 10.62 -17.65 -9.04
N GLU A 124 11.60 -17.96 -9.90
CA GLU A 124 11.71 -17.31 -11.21
C GLU A 124 10.57 -17.74 -12.13
N LEU A 125 10.09 -18.96 -11.95
CA LEU A 125 8.91 -19.43 -12.68
C LEU A 125 7.68 -18.67 -12.21
N ASN A 126 7.54 -18.52 -10.89
CA ASN A 126 6.45 -17.72 -10.34
C ASN A 126 6.45 -16.29 -10.89
N LEU A 127 7.63 -15.69 -11.01
CA LEU A 127 7.75 -14.37 -11.62
C LEU A 127 7.23 -14.35 -13.05
N ARG A 128 7.72 -15.27 -13.87
CA ARG A 128 7.26 -15.37 -15.26
C ARG A 128 5.76 -15.55 -15.33
N TYR A 129 5.24 -16.48 -14.54
CA TYR A 129 3.81 -16.78 -14.53
C TYR A 129 2.99 -15.57 -14.13
N LEU A 130 3.40 -14.87 -13.09
CA LEU A 130 2.62 -13.74 -12.60
C LEU A 130 2.69 -12.55 -13.55
N PHE A 131 3.83 -12.36 -14.22
CA PHE A 131 3.95 -11.32 -15.24
C PHE A 131 2.99 -11.60 -16.40
N GLU A 132 2.89 -12.88 -16.78
CA GLU A 132 1.97 -13.28 -17.84
C GLU A 132 0.53 -12.98 -17.45
N ARG A 133 0.14 -13.34 -16.22
CA ARG A 133 -1.23 -13.14 -15.78
C ARG A 133 -1.53 -11.65 -15.55
N LEU A 134 -0.52 -10.90 -15.12
CA LEU A 134 -0.65 -9.46 -14.90
C LEU A 134 -1.09 -8.72 -16.16
N PHE A 135 -0.60 -9.17 -17.32
CA PHE A 135 -0.89 -8.50 -18.59
C PHE A 135 -1.73 -9.37 -19.53
N GLU A 136 -2.44 -10.34 -18.98
CA GLU A 136 -3.26 -11.25 -19.77
C GLU A 136 -4.46 -10.56 -20.40
N ASP A 137 -5.21 -9.81 -19.60
CA ASP A 137 -6.41 -9.12 -20.07
C ASP A 137 -6.29 -7.62 -19.88
N GLU A 138 -7.11 -6.86 -20.60
CA GLU A 138 -7.24 -5.42 -20.41
C GLU A 138 -7.50 -5.12 -18.93
N LYS A 139 -6.76 -4.17 -18.38
CA LYS A 139 -6.90 -3.83 -16.96
C LYS A 139 -8.29 -3.28 -16.63
N GLY A 140 -8.73 -3.49 -15.39
CA GLY A 140 -9.96 -2.91 -14.89
C GLY A 140 -11.26 -3.59 -15.30
N GLY A 141 -11.15 -4.78 -15.89
CA GLY A 141 -12.32 -5.53 -16.36
C GLY A 141 -13.19 -6.12 -15.26
N GLY A 142 -12.66 -6.16 -14.05
CA GLY A 142 -13.41 -6.60 -12.88
C GLY A 142 -13.32 -8.09 -12.60
N TYR A 143 -13.37 -8.44 -11.31
CA TYR A 143 -13.49 -9.82 -10.86
C TYR A 143 -14.11 -9.89 -9.46
N PRO A 144 -15.16 -10.73 -9.28
CA PRO A 144 -15.84 -11.51 -10.32
C PRO A 144 -16.43 -10.59 -11.37
N LYS A 145 -16.53 -11.06 -12.62
CA LYS A 145 -17.00 -10.24 -13.73
C LYS A 145 -18.28 -9.45 -13.39
N GLU A 146 -19.10 -9.99 -12.50
CA GLU A 146 -20.34 -9.34 -12.06
C GLU A 146 -20.11 -8.18 -11.08
N ARG A 147 -18.92 -8.12 -10.48
CA ARG A 147 -18.56 -7.03 -9.58
C ARG A 147 -17.80 -5.93 -10.31
N ALA A 148 -17.82 -5.98 -11.63
CA ALA A 148 -17.09 -5.03 -12.47
C ALA A 148 -17.47 -3.56 -12.24
N VAL A 149 -18.77 -3.27 -12.19
CA VAL A 149 -19.23 -1.88 -12.04
CA VAL A 149 -19.20 -1.87 -12.05
C VAL A 149 -18.88 -1.27 -10.67
N PRO A 150 -19.20 -1.99 -9.55
CA PRO A 150 -18.79 -1.37 -8.29
C PRO A 150 -17.27 -1.28 -8.11
N GLU A 151 -16.53 -2.25 -8.64
CA GLU A 151 -15.07 -2.19 -8.60
C GLU A 151 -14.54 -1.02 -9.42
N GLN A 152 -15.09 -0.82 -10.62
CA GLN A 152 -14.68 0.30 -11.46
C GLN A 152 -15.05 1.64 -10.81
N ARG A 153 -16.25 1.71 -10.21
CA ARG A 153 -16.68 2.92 -9.50
C ARG A 153 -15.79 3.22 -8.31
N ASN A 154 -15.51 2.20 -7.49
CA ASN A 154 -14.66 2.38 -6.31
C ASN A 154 -13.24 2.82 -6.65
N ALA A 155 -12.68 2.29 -7.74
CA ALA A 155 -11.36 2.70 -8.22
C ALA A 155 -11.37 4.17 -8.64
N ARG A 156 -12.46 4.61 -9.28
CA ARG A 156 -12.63 6.02 -9.65
C ARG A 156 -12.78 6.93 -8.43
N ILE A 157 -13.56 6.47 -7.45
CA ILE A 157 -13.74 7.23 -6.20
C ILE A 157 -12.42 7.33 -5.43
N LEU A 158 -11.64 6.26 -5.44
CA LEU A 158 -10.31 6.28 -4.85
C LEU A 158 -9.46 7.39 -5.46
N SER A 159 -9.49 7.52 -6.80
CA SER A 159 -8.76 8.58 -7.49
C SER A 159 -9.24 9.96 -7.07
N GLU A 160 -10.56 10.11 -6.90
CA GLU A 160 -11.15 11.37 -6.45
C GLU A 160 -10.64 11.76 -5.06
N ILE A 161 -10.58 10.76 -4.17
CA ILE A 161 -10.05 10.96 -2.82
C ILE A 161 -8.58 11.40 -2.87
N LYS A 162 -7.80 10.70 -3.69
CA LYS A 162 -6.36 10.97 -3.81
C LYS A 162 -6.06 12.37 -4.32
N GLN A 163 -6.95 12.92 -5.14
CA GLN A 163 -6.82 14.29 -5.62
C GLN A 163 -6.80 15.29 -4.46
N ILE A 164 -7.50 14.92 -3.38
CA ILE A 164 -7.60 15.77 -2.19
C ILE A 164 -6.50 15.47 -1.17
N THR A 165 -6.12 14.20 -1.03
CA THR A 165 -5.22 13.80 0.05
C THR A 165 -3.72 14.04 -0.17
N TYR A 166 -3.30 14.04 -1.45
CA TYR A 166 -1.88 14.22 -1.77
C TYR A 166 -1.56 15.65 -2.20
N ARG A 167 -0.38 16.11 -1.80
CA ARG A 167 0.18 17.34 -2.35
C ARG A 167 0.66 17.09 -3.78
N ASP A 168 0.77 18.15 -4.57
CA ASP A 168 1.26 18.08 -5.95
CA ASP A 168 1.22 18.00 -5.95
C ASP A 168 2.66 17.47 -5.97
N LEU A 169 2.94 16.60 -6.94
CA LEU A 169 4.25 15.94 -7.01
C LEU A 169 5.42 16.93 -7.14
N LEU A 170 5.25 17.96 -7.97
CA LEU A 170 6.32 18.93 -8.19
C LEU A 170 6.70 19.62 -6.87
N SER A 171 5.69 19.97 -6.07
CA SER A 171 5.93 20.53 -4.75
C SER A 171 6.65 19.53 -3.85
N VAL A 172 6.22 18.27 -3.88
CA VAL A 172 6.89 17.21 -3.12
C VAL A 172 8.38 17.13 -3.47
N LEU A 173 8.68 17.15 -4.77
CA LEU A 173 10.08 17.06 -5.23
C LEU A 173 10.94 18.22 -4.73
N LYS A 174 10.33 19.39 -4.53
CA LYS A 174 11.02 20.56 -4.01
C LYS A 174 11.14 20.54 -2.48
N GLU A 175 10.21 19.86 -1.82
CA GLU A 175 10.16 19.86 -0.35
C GLU A 175 10.98 18.75 0.29
N ILE A 176 11.08 17.60 -0.39
CA ILE A 176 11.88 16.48 0.13
C ILE A 176 13.36 16.83 0.19
N ASP A 177 14.11 16.05 0.96
CA ASP A 177 15.56 16.23 1.07
C ASP A 177 16.20 16.08 -0.31
N GLN A 178 16.98 17.08 -0.71
CA GLN A 178 17.50 17.12 -2.09
C GLN A 178 18.63 16.13 -2.35
N ASP A 179 19.42 15.80 -1.34
CA ASP A 179 20.45 14.75 -1.47
CA ASP A 179 20.44 14.78 -1.54
C ASP A 179 19.78 13.40 -1.69
N PHE A 180 18.70 13.18 -0.95
CA PHE A 180 17.90 11.95 -1.04
C PHE A 180 17.34 11.82 -2.46
N LEU A 181 16.78 12.92 -2.98
CA LEU A 181 16.24 12.96 -4.33
C LEU A 181 17.33 12.75 -5.38
N LYS A 182 18.45 13.46 -5.23
CA LYS A 182 19.57 13.33 -6.17
C LYS A 182 20.07 11.88 -6.26
N GLU A 183 20.24 11.24 -5.10
CA GLU A 183 20.67 9.84 -5.07
C GLU A 183 19.68 8.95 -5.80
N THR A 184 18.39 9.20 -5.60
CA THR A 184 17.32 8.41 -6.23
C THR A 184 17.42 8.41 -7.76
N ILE A 185 17.96 9.48 -8.33
CA ILE A 185 18.03 9.65 -9.78
C ILE A 185 19.47 9.63 -10.31
N SER A 186 20.36 9.01 -9.54
CA SER A 186 21.79 8.97 -9.88
CA SER A 186 21.80 8.96 -9.85
C SER A 186 22.24 7.67 -10.56
N GLY A 187 21.30 6.78 -10.83
CA GLY A 187 21.60 5.52 -11.52
C GLY A 187 22.28 5.75 -12.87
N GLU A 188 23.13 4.81 -13.26
CA GLU A 188 23.94 4.94 -14.48
C GLU A 188 23.11 5.20 -15.74
N HIS A 189 21.92 4.64 -15.78
CA HIS A 189 21.05 4.76 -16.95
C HIS A 189 19.86 5.68 -16.73
N PHE A 190 19.81 6.35 -15.58
CA PHE A 190 18.64 7.19 -15.30
C PHE A 190 18.45 8.28 -16.34
N GLN A 191 19.48 9.07 -16.59
CA GLN A 191 19.37 10.21 -17.50
C GLN A 191 19.00 9.75 -18.91
N GLU A 192 19.66 8.69 -19.38
CA GLU A 192 19.39 8.10 -20.68
C GLU A 192 17.92 7.69 -20.83
N TYR A 193 17.43 6.86 -19.92
CA TYR A 193 16.06 6.35 -20.01
C TYR A 193 15.02 7.42 -19.71
N PHE A 194 15.27 8.22 -18.68
CA PHE A 194 14.26 9.16 -18.22
C PHE A 194 13.99 10.29 -19.21
N PHE A 195 15.04 11.01 -19.60
CA PHE A 195 14.84 12.19 -20.44
C PHE A 195 14.35 11.85 -21.85
N ALA A 196 14.68 10.65 -22.32
CA ALA A 196 14.20 10.18 -23.63
C ALA A 196 12.72 9.81 -23.62
N ASN A 197 12.19 9.49 -22.44
CA ASN A 197 10.83 8.97 -22.32
C ASN A 197 9.85 9.85 -21.52
N CYS A 198 10.40 10.85 -20.83
CA CYS A 198 9.61 11.78 -20.03
C CYS A 198 8.63 12.57 -20.91
N GLN A 199 7.39 12.69 -20.44
CA GLN A 199 6.34 13.41 -21.17
C GLN A 199 5.93 14.70 -20.44
N ASN A 200 6.46 14.89 -19.23
CA ASN A 200 6.15 16.06 -18.41
C ASN A 200 7.36 16.97 -18.32
N GLN A 201 7.34 18.07 -19.08
CA GLN A 201 8.51 18.95 -19.15
C GLN A 201 8.81 19.65 -17.82
N ASN A 202 7.79 19.91 -17.02
CA ASN A 202 7.99 20.53 -15.71
C ASN A 202 8.79 19.65 -14.76
N ILE A 203 8.50 18.35 -14.75
CA ILE A 203 9.27 17.41 -13.95
C ILE A 203 10.69 17.28 -14.52
N ALA A 204 10.79 17.17 -15.85
CA ALA A 204 12.08 17.09 -16.52
C ALA A 204 12.97 18.29 -16.18
N ASP A 205 12.41 19.49 -16.29
CA ASP A 205 13.14 20.72 -16.00
C ASP A 205 13.65 20.76 -14.57
N TYR A 206 12.79 20.37 -13.62
CA TYR A 206 13.20 20.38 -12.24
C TYR A 206 14.32 19.38 -11.94
N LEU A 207 14.19 18.17 -12.47
CA LEU A 207 15.20 17.13 -12.23
C LEU A 207 16.54 17.45 -12.89
N LYS A 208 16.51 18.19 -14.01
CA LYS A 208 17.72 18.69 -14.65
C LYS A 208 18.48 19.63 -13.71
N SER A 209 17.73 20.50 -13.01
CA SER A 209 18.33 21.42 -12.04
C SER A 209 18.93 20.67 -10.84
N VAL A 210 18.25 19.60 -10.41
CA VAL A 210 18.76 18.74 -9.34
C VAL A 210 20.08 18.07 -9.76
N LEU A 211 20.16 17.66 -11.02
CA LEU A 211 21.35 17.00 -11.56
C LEU A 211 22.37 17.99 -12.12
N ASP A 212 22.05 19.28 -12.07
CA ASP A 212 22.89 20.36 -12.62
C ASP A 212 23.10 20.22 -14.13
N LEU A 213 21.99 20.24 -14.86
CA LEU A 213 21.96 20.05 -16.32
C LEU A 213 22.57 18.72 -16.75
N MET B 1 -3.40 -1.45 24.40
CA MET B 1 -3.60 -1.28 22.92
C MET B 1 -5.07 -1.40 22.55
N LYS B 2 -5.52 -0.49 21.69
CA LYS B 2 -6.88 -0.52 21.17
C LYS B 2 -6.86 -0.94 19.71
N ILE B 3 -7.57 -2.02 19.39
CA ILE B 3 -7.62 -2.55 18.03
C ILE B 3 -9.03 -2.41 17.46
N ALA B 4 -9.12 -1.91 16.23
CA ALA B 4 -10.40 -1.76 15.54
C ALA B 4 -10.50 -2.67 14.32
N LEU B 5 -11.69 -3.26 14.11
CA LEU B 5 -11.98 -4.04 12.91
C LEU B 5 -12.97 -3.29 12.04
N ILE B 6 -12.67 -3.22 10.74
CA ILE B 6 -13.54 -2.57 9.77
C ILE B 6 -13.74 -3.49 8.55
N ASN B 7 -14.99 -3.75 8.21
CA ASN B 7 -15.34 -4.52 7.01
C ASN B 7 -16.17 -3.71 6.04
N GLU B 8 -15.92 -3.90 4.75
CA GLU B 8 -16.75 -3.30 3.70
C GLU B 8 -17.88 -4.26 3.31
N ASN B 9 -18.69 -3.87 2.34
CA ASN B 9 -19.93 -4.58 2.04
C ASN B 9 -19.78 -6.00 1.48
N SER B 10 -18.77 -6.21 0.63
CA SER B 10 -18.64 -7.51 -0.04
C SER B 10 -18.24 -8.63 0.91
N GLN B 11 -17.52 -8.28 1.98
CA GLN B 11 -17.03 -9.26 2.96
C GLN B 11 -17.72 -9.16 4.32
N ALA B 12 -18.76 -8.31 4.40
CA ALA B 12 -19.50 -8.09 5.65
C ALA B 12 -20.00 -9.39 6.30
N SER B 13 -20.37 -10.37 5.46
CA SER B 13 -20.86 -11.65 5.93
C SER B 13 -19.83 -12.45 6.74
N LYS B 14 -18.56 -12.04 6.66
CA LYS B 14 -17.48 -12.72 7.38
C LYS B 14 -17.00 -11.98 8.63
N ASN B 15 -17.63 -10.83 8.90
CA ASN B 15 -17.29 -10.01 10.07
C ASN B 15 -17.33 -10.78 11.40
N THR B 16 -18.36 -11.59 11.60
CA THR B 16 -18.48 -12.40 12.82
C THR B 16 -17.31 -13.39 12.95
N ILE B 17 -16.98 -14.07 11.85
CA ILE B 17 -15.84 -14.99 11.79
C ILE B 17 -14.53 -14.27 12.11
N ILE B 18 -14.30 -13.13 11.46
CA ILE B 18 -13.07 -12.36 11.65
C ILE B 18 -12.95 -11.85 13.08
N TYR B 19 -14.03 -11.25 13.58
CA TYR B 19 -14.00 -10.66 14.92
C TYR B 19 -13.81 -11.69 16.02
N LYS B 20 -14.38 -12.88 15.83
CA LYS B 20 -14.23 -13.96 16.80
C LYS B 20 -12.75 -14.28 17.05
N GLU B 21 -11.98 -14.42 15.97
CA GLU B 21 -10.56 -14.73 16.10
C GLU B 21 -9.75 -13.54 16.61
N LEU B 22 -10.08 -12.34 16.13
CA LEU B 22 -9.41 -11.13 16.59
C LEU B 22 -9.65 -10.90 18.08
N LYS B 23 -10.89 -11.07 18.51
CA LYS B 23 -11.26 -10.93 19.93
C LYS B 23 -10.55 -11.97 20.80
N ALA B 24 -10.44 -13.20 20.28
CA ALA B 24 -9.76 -14.26 21.01
C ALA B 24 -8.31 -13.91 21.31
N VAL B 25 -7.61 -13.40 20.30
CA VAL B 25 -6.20 -12.99 20.44
C VAL B 25 -6.07 -11.76 21.34
N SER B 26 -6.97 -10.79 21.14
CA SER B 26 -6.99 -9.57 21.95
CA SER B 26 -7.01 -9.56 21.94
C SER B 26 -7.27 -9.87 23.41
N ASP B 27 -8.24 -10.75 23.68
CA ASP B 27 -8.59 -11.13 25.05
C ASP B 27 -7.40 -11.76 25.78
N GLU B 28 -6.70 -12.65 25.10
CA GLU B 28 -5.53 -13.33 25.65
C GLU B 28 -4.41 -12.34 25.98
N LYS B 29 -4.23 -11.35 25.12
CA LYS B 29 -3.14 -10.38 25.29
C LYS B 29 -3.55 -9.17 26.13
N GLY B 30 -4.82 -9.10 26.51
CA GLY B 30 -5.32 -8.02 27.36
C GLY B 30 -5.48 -6.71 26.62
N PHE B 31 -5.60 -6.78 25.30
CA PHE B 31 -5.87 -5.59 24.49
C PHE B 31 -7.36 -5.31 24.52
N GLU B 32 -7.77 -4.16 23.98
CA GLU B 32 -9.17 -3.83 23.83
C GLU B 32 -9.51 -3.84 22.34
N VAL B 33 -10.62 -4.51 22.00
CA VAL B 33 -11.05 -4.62 20.61
CA VAL B 33 -11.05 -4.63 20.61
C VAL B 33 -12.39 -3.94 20.38
N PHE B 34 -12.51 -3.27 19.23
CA PHE B 34 -13.74 -2.57 18.84
C PHE B 34 -14.16 -3.05 17.46
N ASN B 35 -15.37 -3.59 17.35
CA ASN B 35 -15.92 -3.97 16.06
C ASN B 35 -16.75 -2.83 15.48
N TYR B 36 -16.16 -2.13 14.50
CA TYR B 36 -16.83 -1.01 13.84
C TYR B 36 -17.73 -1.43 12.68
N GLY B 37 -17.82 -2.74 12.42
CA GLY B 37 -18.62 -3.24 11.29
C GLY B 37 -17.91 -3.03 9.96
N MET B 38 -18.56 -3.32 8.83
CA MET B 38 -19.95 -3.82 8.77
C MET B 38 -20.10 -5.18 9.43
N TYR B 39 -21.31 -5.49 9.88
CA TYR B 39 -21.58 -6.65 10.72
C TYR B 39 -22.21 -7.83 9.96
N GLY B 40 -22.67 -7.56 8.75
CA GLY B 40 -23.34 -8.59 7.94
C GLY B 40 -24.81 -8.73 8.29
N LYS B 41 -25.45 -7.58 8.54
CA LYS B 41 -26.87 -7.53 8.88
C LYS B 41 -27.62 -6.81 7.78
N GLU B 42 -28.89 -7.18 7.59
CA GLU B 42 -29.73 -6.53 6.59
C GLU B 42 -30.03 -5.07 6.97
N GLU B 43 -29.95 -4.21 5.96
CA GLU B 43 -30.28 -2.77 6.09
C GLU B 43 -29.33 -1.93 6.95
N GLU B 44 -28.18 -2.49 7.31
CA GLU B 44 -27.17 -1.77 8.09
C GLU B 44 -26.48 -0.68 7.26
N SER B 45 -25.76 0.20 7.94
CA SER B 45 -24.99 1.25 7.27
C SER B 45 -23.89 0.61 6.42
N GLN B 46 -23.69 1.15 5.22
CA GLN B 46 -22.82 0.52 4.21
C GLN B 46 -21.45 1.19 4.11
N LEU B 47 -20.43 0.37 3.88
CA LEU B 47 -19.07 0.86 3.63
C LEU B 47 -18.49 0.18 2.39
N THR B 48 -17.80 0.96 1.56
CA THR B 48 -16.97 0.41 0.48
C THR B 48 -15.55 0.31 0.99
N TYR B 49 -14.68 -0.36 0.24
CA TYR B 49 -13.27 -0.46 0.63
C TYR B 49 -12.59 0.92 0.70
N VAL B 50 -13.08 1.87 -0.09
CA VAL B 50 -12.57 3.24 -0.06
C VAL B 50 -12.94 3.91 1.27
N GLN B 51 -14.19 3.72 1.69
CA GLN B 51 -14.64 4.22 2.98
C GLN B 51 -13.92 3.55 4.15
N ASN B 52 -13.55 2.28 3.99
CA ASN B 52 -12.71 1.61 4.99
C ASN B 52 -11.42 2.40 5.23
N GLY B 53 -10.83 2.88 4.15
CA GLY B 53 -9.60 3.69 4.25
C GLY B 53 -9.81 4.98 5.01
N LEU B 54 -10.89 5.69 4.69
CA LEU B 54 -11.22 6.93 5.38
C LEU B 54 -11.50 6.69 6.86
N LEU B 55 -12.29 5.67 7.17
CA LEU B 55 -12.57 5.34 8.56
C LEU B 55 -11.30 4.96 9.33
N THR B 56 -10.45 4.14 8.68
CA THR B 56 -9.16 3.77 9.25
C THR B 56 -8.33 5.01 9.61
N ALA B 57 -8.28 5.96 8.67
CA ALA B 57 -7.56 7.22 8.87
C ALA B 57 -8.13 8.00 10.05
N ILE B 58 -9.45 8.06 10.15
CA ILE B 58 -10.11 8.76 11.24
C ILE B 58 -9.77 8.12 12.58
N LEU B 59 -9.87 6.79 12.66
CA LEU B 59 -9.61 6.10 13.92
C LEU B 59 -8.16 6.23 14.41
N LEU B 60 -7.20 6.09 13.48
CA LEU B 60 -5.80 6.13 13.84
C LEU B 60 -5.30 7.53 14.17
N ASN B 61 -5.67 8.51 13.35
CA ASN B 61 -5.25 9.89 13.58
C ASN B 61 -5.86 10.52 14.82
N SER B 62 -7.05 10.04 15.21
CA SER B 62 -7.73 10.54 16.40
CA SER B 62 -7.73 10.54 16.40
C SER B 62 -7.25 9.84 17.66
N GLY B 63 -6.58 8.71 17.49
CA GLY B 63 -6.11 7.91 18.62
C GLY B 63 -7.18 6.98 19.17
N ALA B 64 -8.35 6.95 18.52
CA ALA B 64 -9.45 6.08 18.94
C ALA B 64 -9.08 4.59 18.81
N ALA B 65 -8.18 4.31 17.87
CA ALA B 65 -7.56 2.99 17.76
C ALA B 65 -6.05 3.14 17.59
N ASP B 66 -5.31 2.17 18.10
CA ASP B 66 -3.86 2.11 17.92
C ASP B 66 -3.50 1.26 16.71
N PHE B 67 -4.38 0.32 16.39
CA PHE B 67 -4.18 -0.56 15.24
C PHE B 67 -5.50 -0.88 14.60
N VAL B 68 -5.53 -0.95 13.27
CA VAL B 68 -6.74 -1.27 12.53
C VAL B 68 -6.55 -2.54 11.68
N ILE B 69 -7.46 -3.48 11.86
CA ILE B 69 -7.59 -4.63 10.96
C ILE B 69 -8.72 -4.35 9.98
N THR B 70 -8.42 -4.44 8.69
CA THR B 70 -9.45 -4.29 7.67
C THR B 70 -9.16 -5.23 6.49
N GLY B 71 -9.85 -5.02 5.38
CA GLY B 71 -9.63 -5.82 4.19
C GLY B 71 -10.81 -5.78 3.23
N CYS B 72 -10.76 -6.66 2.24
CA CYS B 72 -11.80 -6.77 1.23
C CYS B 72 -11.62 -8.13 0.53
N GLY B 73 -12.22 -8.30 -0.65
CA GLY B 73 -12.12 -9.58 -1.36
C GLY B 73 -10.70 -10.08 -1.52
N ALA B 74 -9.83 -9.23 -2.08
CA ALA B 74 -8.43 -9.60 -2.27
C ALA B 74 -7.47 -8.82 -1.39
N GLY B 75 -8.01 -7.85 -0.64
CA GLY B 75 -7.21 -7.10 0.34
C GLY B 75 -6.43 -5.90 -0.20
N ILE B 76 -6.26 -5.83 -1.51
CA ILE B 76 -5.47 -4.75 -2.12
C ILE B 76 -6.23 -3.42 -2.13
N GLY B 77 -7.50 -3.46 -2.48
CA GLY B 77 -8.33 -2.25 -2.49
C GLY B 77 -8.27 -1.48 -1.18
N ALA B 78 -8.57 -2.18 -0.08
CA ALA B 78 -8.55 -1.56 1.25
C ALA B 78 -7.16 -1.03 1.60
N MET B 79 -6.12 -1.78 1.23
CA MET B 79 -4.74 -1.36 1.43
CA MET B 79 -4.74 -1.36 1.42
C MET B 79 -4.47 -0.03 0.72
N LEU B 80 -4.89 0.06 -0.56
CA LEU B 80 -4.69 1.27 -1.35
C LEU B 80 -5.42 2.46 -0.74
N ALA B 81 -6.65 2.23 -0.28
CA ALA B 81 -7.46 3.29 0.31
C ALA B 81 -6.85 3.78 1.63
N CYS B 82 -6.48 2.85 2.51
CA CYS B 82 -5.85 3.20 3.79
C CYS B 82 -4.58 4.02 3.60
N ASN B 83 -3.75 3.61 2.65
CA ASN B 83 -2.48 4.29 2.36
C ASN B 83 -2.64 5.58 1.55
N SER B 84 -3.88 6.02 1.36
CA SER B 84 -4.15 7.29 0.67
C SER B 84 -4.29 8.46 1.65
N PHE B 85 -4.13 8.18 2.94
CA PHE B 85 -4.34 9.17 3.99
C PHE B 85 -3.10 9.35 4.87
N PRO B 86 -2.91 10.57 5.41
CA PRO B 86 -1.81 10.77 6.35
C PRO B 86 -2.01 9.96 7.63
N GLY B 87 -0.90 9.60 8.27
CA GLY B 87 -0.94 8.93 9.58
C GLY B 87 -1.37 7.47 9.54
N VAL B 88 -1.37 6.88 8.35
CA VAL B 88 -1.73 5.47 8.19
C VAL B 88 -0.61 4.75 7.44
N VAL B 89 -0.16 3.64 8.02
CA VAL B 89 0.79 2.74 7.35
C VAL B 89 0.13 1.36 7.37
N CYS B 90 -0.49 1.01 6.23
CA CYS B 90 -1.33 -0.19 6.15
C CYS B 90 -0.67 -1.28 5.31
N GLY B 91 -0.32 -2.38 5.95
CA GLY B 91 0.28 -3.50 5.24
C GLY B 91 -0.73 -4.40 4.56
N PHE B 92 -0.21 -5.46 3.97
CA PHE B 92 -1.01 -6.56 3.44
C PHE B 92 -0.39 -7.82 4.01
N ALA B 93 -1.21 -8.85 4.27
CA ALA B 93 -0.72 -10.14 4.74
C ALA B 93 -1.62 -11.28 4.29
N ALA B 94 -1.01 -12.39 3.89
CA ALA B 94 -1.75 -13.59 3.51
C ALA B 94 -1.54 -14.75 4.48
N ASP B 95 -0.37 -14.80 5.10
CA ASP B 95 -0.06 -15.88 6.05
C ASP B 95 0.55 -15.36 7.35
N PRO B 96 0.80 -16.24 8.33
CA PRO B 96 1.30 -15.76 9.62
C PRO B 96 2.70 -15.15 9.57
N VAL B 97 3.57 -15.67 8.72
CA VAL B 97 4.90 -15.09 8.53
C VAL B 97 4.79 -13.64 8.01
N ASP B 98 3.91 -13.41 7.04
CA ASP B 98 3.64 -12.07 6.53
C ASP B 98 3.33 -11.10 7.68
N ALA B 99 2.46 -11.53 8.59
CA ALA B 99 2.02 -10.71 9.70
C ALA B 99 3.16 -10.38 10.67
N TYR B 100 3.99 -11.38 10.98
CA TYR B 100 5.12 -11.16 11.86
C TYR B 100 6.12 -10.19 11.21
N LEU B 101 6.42 -10.43 9.94
CA LEU B 101 7.34 -9.55 9.21
C LEU B 101 6.79 -8.14 9.09
N PHE B 102 5.49 -8.00 8.83
CA PHE B 102 4.90 -6.66 8.82
C PHE B 102 5.16 -5.93 10.14
N SER B 103 4.88 -6.62 11.25
CA SER B 103 5.08 -6.04 12.58
C SER B 103 6.51 -5.61 12.83
N GLN B 104 7.47 -6.47 12.47
CA GLN B 104 8.88 -6.24 12.83
C GLN B 104 9.64 -5.39 11.83
N VAL B 105 9.36 -5.58 10.54
CA VAL B 105 10.07 -4.87 9.48
C VAL B 105 9.46 -3.50 9.22
N ASN B 106 8.14 -3.44 9.14
CA ASN B 106 7.44 -2.21 8.80
C ASN B 106 6.93 -1.46 10.01
N GLY B 107 6.35 -2.19 10.95
CA GLY B 107 5.82 -1.61 12.18
C GLY B 107 4.71 -0.59 11.96
N GLY B 108 3.84 -0.85 10.99
CA GLY B 108 2.73 0.03 10.68
C GLY B 108 1.61 -0.06 11.69
N ASN B 109 0.51 0.63 11.41
CA ASN B 109 -0.61 0.72 12.34
C ASN B 109 -1.93 0.19 11.77
N ALA B 110 -1.85 -0.43 10.60
CA ALA B 110 -3.02 -1.07 10.00
C ALA B 110 -2.60 -2.25 9.13
N LEU B 111 -3.50 -3.20 8.98
CA LEU B 111 -3.26 -4.37 8.12
C LEU B 111 -4.52 -4.69 7.34
N SER B 112 -4.38 -4.82 6.02
CA SER B 112 -5.47 -5.19 5.14
C SER B 112 -5.30 -6.65 4.72
N LEU B 113 -6.39 -7.40 4.83
CA LEU B 113 -6.36 -8.84 4.60
C LEU B 113 -7.32 -9.26 3.50
N PRO B 114 -6.98 -10.33 2.77
CA PRO B 114 -7.92 -10.90 1.81
C PRO B 114 -8.95 -11.77 2.52
N PHE B 115 -10.22 -11.45 2.34
CA PHE B 115 -11.30 -12.21 2.97
C PHE B 115 -12.06 -13.10 1.98
N ALA B 116 -11.67 -13.07 0.72
CA ALA B 116 -12.29 -13.93 -0.29
C ALA B 116 -11.25 -14.77 -1.05
N LYS B 117 -10.27 -14.11 -1.67
CA LYS B 117 -9.18 -14.83 -2.34
C LYS B 117 -8.39 -15.62 -1.30
N GLY B 118 -8.29 -16.93 -1.54
CA GLY B 118 -7.59 -17.85 -0.63
C GLY B 118 -8.32 -18.11 0.68
N PHE B 119 -9.55 -17.62 0.79
CA PHE B 119 -10.31 -17.68 2.04
C PHE B 119 -11.34 -18.79 1.94
N GLY B 120 -10.96 -19.99 2.37
CA GLY B 120 -11.85 -21.13 2.31
C GLY B 120 -11.84 -21.88 3.62
N TRP B 121 -11.78 -23.20 3.52
CA TRP B 121 -11.76 -24.08 4.67
C TRP B 121 -10.52 -23.79 5.51
N GLY B 122 -10.72 -23.60 6.82
CA GLY B 122 -9.62 -23.29 7.73
C GLY B 122 -9.12 -21.85 7.71
N ALA B 123 -9.84 -20.98 7.00
CA ALA B 123 -9.43 -19.58 6.87
C ALA B 123 -9.44 -18.84 8.20
N GLU B 124 -10.35 -19.23 9.09
CA GLU B 124 -10.40 -18.63 10.43
C GLU B 124 -9.23 -19.05 11.30
N LEU B 125 -8.68 -20.25 11.05
CA LEU B 125 -7.44 -20.68 11.68
C LEU B 125 -6.31 -19.76 11.22
N ASN B 126 -6.22 -19.53 9.91
CA ASN B 126 -5.22 -18.61 9.38
C ASN B 126 -5.32 -17.22 10.00
N LEU B 127 -6.56 -16.73 10.17
CA LEU B 127 -6.79 -15.44 10.83
C LEU B 127 -6.25 -15.43 12.26
N ARG B 128 -6.65 -16.42 13.06
CA ARG B 128 -6.16 -16.52 14.43
C ARG B 128 -4.64 -16.56 14.46
N TYR B 129 -4.05 -17.40 13.61
CA TYR B 129 -2.60 -17.56 13.57
C TYR B 129 -1.91 -16.26 13.21
N LEU B 130 -2.39 -15.59 12.17
CA LEU B 130 -1.74 -14.35 11.74
C LEU B 130 -1.91 -13.22 12.75
N PHE B 131 -3.07 -13.16 13.42
CA PHE B 131 -3.27 -12.19 14.50
C PHE B 131 -2.30 -12.43 15.64
N GLU B 132 -2.10 -13.70 15.99
CA GLU B 132 -1.14 -14.07 17.03
C GLU B 132 0.28 -13.64 16.68
N ARG B 133 0.70 -13.87 15.44
CA ARG B 133 2.05 -13.49 15.03
C ARG B 133 2.21 -11.98 14.87
N LEU B 134 1.15 -11.32 14.41
CA LEU B 134 1.12 -9.85 14.28
C LEU B 134 1.44 -9.16 15.60
N PHE B 135 0.95 -9.73 16.70
CA PHE B 135 1.13 -9.13 18.03
C PHE B 135 2.02 -9.95 18.95
N GLU B 136 2.85 -10.80 18.37
CA GLU B 136 3.74 -11.67 19.15
C GLU B 136 4.84 -10.88 19.84
N ASP B 137 5.49 -9.98 19.08
CA ASP B 137 6.53 -9.10 19.62
C ASP B 137 6.10 -7.66 19.42
N GLU B 138 6.64 -6.76 20.24
CA GLU B 138 6.39 -5.33 20.06
C GLU B 138 6.82 -4.91 18.65
N LYS B 139 6.02 -4.06 18.03
CA LYS B 139 6.24 -3.68 16.61
C LYS B 139 7.57 -2.95 16.40
N GLY B 140 8.11 -3.11 15.20
CA GLY B 140 9.31 -2.39 14.76
C GLY B 140 10.62 -2.89 15.34
N GLY B 141 10.63 -4.12 15.83
CA GLY B 141 11.84 -4.70 16.40
C GLY B 141 12.89 -5.13 15.39
N GLY B 142 12.50 -5.21 14.12
CA GLY B 142 13.40 -5.63 13.04
C GLY B 142 13.46 -7.14 12.89
N TYR B 143 13.69 -7.59 11.66
CA TYR B 143 13.93 -9.01 11.38
C TYR B 143 14.85 -9.19 10.18
N PRO B 144 15.98 -9.92 10.36
CA PRO B 144 16.53 -10.40 11.63
C PRO B 144 17.19 -9.23 12.38
N LYS B 145 17.80 -9.51 13.53
CA LYS B 145 18.47 -8.45 14.29
C LYS B 145 19.57 -7.74 13.49
N GLU B 146 20.14 -8.46 12.51
CA GLU B 146 21.20 -7.94 11.64
C GLU B 146 20.72 -6.87 10.66
N ARG B 147 19.46 -6.97 10.23
CA ARG B 147 18.88 -6.00 9.29
C ARG B 147 17.98 -4.97 10.00
N ALA B 148 17.92 -5.04 11.33
CA ALA B 148 17.03 -4.20 12.11
C ALA B 148 17.29 -2.69 11.94
N VAL B 149 18.57 -2.29 11.98
CA VAL B 149 18.93 -0.88 11.85
C VAL B 149 18.48 -0.26 10.52
N PRO B 150 18.89 -0.83 9.37
CA PRO B 150 18.43 -0.23 8.11
C PRO B 150 16.90 -0.28 7.93
N GLU B 151 16.27 -1.35 8.42
CA GLU B 151 14.81 -1.47 8.35
C GLU B 151 14.12 -0.36 9.15
N GLN B 152 14.59 -0.11 10.36
CA GLN B 152 14.00 0.90 11.23
CA GLN B 152 13.95 0.90 11.17
C GLN B 152 14.33 2.31 10.74
N ARG B 153 15.54 2.48 10.20
CA ARG B 153 15.92 3.77 9.62
C ARG B 153 15.02 4.07 8.42
N ASN B 154 14.82 3.07 7.55
CA ASN B 154 13.96 3.24 6.39
C ASN B 154 12.50 3.52 6.75
N ALA B 155 12.01 2.86 7.80
CA ALA B 155 10.64 3.12 8.27
C ALA B 155 10.49 4.56 8.77
N ARG B 156 11.51 5.06 9.46
CA ARG B 156 11.52 6.45 9.91
C ARG B 156 11.58 7.44 8.74
N ILE B 157 12.44 7.15 7.76
CA ILE B 157 12.56 8.00 6.58
C ILE B 157 11.23 8.03 5.81
N LEU B 158 10.58 6.88 5.70
CA LEU B 158 9.25 6.81 5.08
C LEU B 158 8.25 7.72 5.80
N SER B 159 8.26 7.67 7.13
CA SER B 159 7.38 8.51 7.96
CA SER B 159 7.38 8.52 7.94
C SER B 159 7.63 10.00 7.70
N GLU B 160 8.92 10.36 7.56
CA GLU B 160 9.31 11.74 7.26
C GLU B 160 8.80 12.19 5.89
N ILE B 161 8.95 11.32 4.89
CA ILE B 161 8.45 11.58 3.54
C ILE B 161 6.94 11.80 3.57
N LYS B 162 6.21 10.96 4.30
CA LYS B 162 4.75 11.06 4.38
C LYS B 162 4.27 12.39 4.97
N GLN B 163 5.08 13.01 5.84
CA GLN B 163 4.79 14.34 6.37
C GLN B 163 4.71 15.39 5.26
N ILE B 164 5.43 15.14 4.17
CA ILE B 164 5.49 16.04 3.03
C ILE B 164 4.47 15.70 1.94
N THR B 165 4.20 14.42 1.72
CA THR B 165 3.39 14.02 0.57
C THR B 165 1.88 14.15 0.79
N TYR B 166 1.44 14.09 2.04
CA TYR B 166 0.01 14.19 2.36
C TYR B 166 -0.40 15.56 2.86
N ARG B 167 -1.60 15.96 2.48
CA ARG B 167 -2.19 17.19 2.99
C ARG B 167 -2.71 16.97 4.41
N ASP B 168 -3.00 18.08 5.10
CA ASP B 168 -3.51 18.07 6.47
C ASP B 168 -4.80 17.26 6.56
N LEU B 169 -4.88 16.37 7.55
CA LEU B 169 -6.04 15.47 7.64
C LEU B 169 -7.38 16.19 7.83
N LEU B 170 -7.42 17.16 8.75
CA LEU B 170 -8.67 17.89 8.96
C LEU B 170 -9.10 18.63 7.69
N SER B 171 -8.14 19.18 6.95
CA SER B 171 -8.40 19.81 5.67
C SER B 171 -9.04 18.83 4.69
N VAL B 172 -8.49 17.60 4.67
CA VAL B 172 -9.04 16.52 3.85
C VAL B 172 -10.49 16.23 4.24
N LEU B 173 -10.75 16.12 5.54
CA LEU B 173 -12.09 15.82 6.03
C LEU B 173 -13.11 16.89 5.63
N LYS B 174 -12.67 18.14 5.56
CA LYS B 174 -13.52 19.26 5.17
C LYS B 174 -13.75 19.34 3.67
N GLU B 175 -12.78 18.85 2.89
CA GLU B 175 -12.81 19.00 1.42
C GLU B 175 -13.41 17.84 0.67
N ILE B 176 -13.37 16.64 1.24
CA ILE B 176 -13.98 15.47 0.61
C ILE B 176 -15.50 15.59 0.59
N ASP B 177 -16.15 14.81 -0.27
CA ASP B 177 -17.60 14.77 -0.34
C ASP B 177 -18.17 14.49 1.04
N GLN B 178 -19.03 15.38 1.54
CA GLN B 178 -19.51 15.29 2.91
C GLN B 178 -20.55 14.18 3.13
N ASP B 179 -21.29 13.84 2.07
CA ASP B 179 -22.19 12.69 2.13
C ASP B 179 -21.39 11.38 2.26
N PHE B 180 -20.29 11.31 1.51
CA PHE B 180 -19.33 10.21 1.59
C PHE B 180 -18.78 10.07 3.01
N LEU B 181 -18.36 11.19 3.59
CA LEU B 181 -17.85 11.23 4.96
C LEU B 181 -18.91 10.86 5.98
N LYS B 182 -20.09 11.45 5.87
CA LYS B 182 -21.20 11.17 6.79
C LYS B 182 -21.54 9.69 6.84
N GLU B 183 -21.63 9.05 5.67
CA GLU B 183 -21.92 7.62 5.59
C GLU B 183 -20.84 6.80 6.27
N THR B 184 -19.58 7.16 6.03
CA THR B 184 -18.42 6.48 6.62
C THR B 184 -18.49 6.45 8.15
N ILE B 185 -19.13 7.45 8.75
CA ILE B 185 -19.20 7.56 10.21
C ILE B 185 -20.62 7.37 10.76
N SER B 186 -21.47 6.68 9.99
CA SER B 186 -22.87 6.49 10.36
CA SER B 186 -22.87 6.49 10.36
C SER B 186 -23.17 5.12 10.98
N GLY B 187 -22.12 4.33 11.20
CA GLY B 187 -22.26 3.01 11.82
C GLY B 187 -22.91 3.09 13.19
N GLU B 188 -23.67 2.05 13.54
CA GLU B 188 -24.47 2.03 14.76
C GLU B 188 -23.68 2.33 16.04
N HIS B 189 -22.42 1.88 16.09
CA HIS B 189 -21.59 2.03 17.27
C HIS B 189 -20.48 3.08 17.11
N PHE B 190 -20.47 3.79 15.99
CA PHE B 190 -19.39 4.74 15.72
C PHE B 190 -19.25 5.81 16.80
N GLN B 191 -20.34 6.49 17.11
CA GLN B 191 -20.32 7.58 18.09
C GLN B 191 -19.89 7.09 19.46
N GLU B 192 -20.45 5.95 19.87
CA GLU B 192 -20.12 5.34 21.15
C GLU B 192 -18.62 5.03 21.27
N TYR B 193 -18.08 4.32 20.28
CA TYR B 193 -16.68 3.90 20.31
C TYR B 193 -15.71 5.05 20.06
N PHE B 194 -16.05 5.92 19.12
CA PHE B 194 -15.14 6.98 18.67
C PHE B 194 -14.93 8.07 19.72
N PHE B 195 -16.02 8.72 20.14
CA PHE B 195 -15.90 9.88 21.03
C PHE B 195 -15.39 9.55 22.41
N ALA B 196 -15.57 8.30 22.84
CA ALA B 196 -15.06 7.82 24.12
C ALA B 196 -13.53 7.64 24.09
N ASN B 197 -12.99 7.42 22.89
CA ASN B 197 -11.58 7.08 22.75
C ASN B 197 -10.75 8.07 21.92
N CYS B 198 -11.41 9.09 21.38
CA CYS B 198 -10.74 10.12 20.59
C CYS B 198 -9.88 11.03 21.47
N GLN B 199 -8.65 11.26 21.03
CA GLN B 199 -7.70 12.12 21.73
C GLN B 199 -7.42 13.40 20.96
N ASN B 200 -7.86 13.44 19.70
CA ASN B 200 -7.67 14.60 18.85
C ASN B 200 -8.92 15.48 18.88
N GLN B 201 -8.83 16.57 19.64
CA GLN B 201 -9.97 17.45 19.87
C GLN B 201 -10.48 18.09 18.57
N ASN B 202 -9.56 18.39 17.66
CA ASN B 202 -9.92 19.02 16.39
C ASN B 202 -10.73 18.11 15.47
N ILE B 203 -10.35 16.84 15.39
CA ILE B 203 -11.12 15.87 14.61
C ILE B 203 -12.49 15.63 15.27
N ALA B 204 -12.49 15.44 16.59
CA ALA B 204 -13.72 15.26 17.34
C ALA B 204 -14.72 16.39 17.09
N ASP B 205 -14.25 17.63 17.20
CA ASP B 205 -15.08 18.81 16.97
C ASP B 205 -15.71 18.83 15.58
N TYR B 206 -14.91 18.57 14.55
CA TYR B 206 -15.43 18.60 13.18
C TYR B 206 -16.44 17.51 12.91
N LEU B 207 -16.17 16.29 13.37
CA LEU B 207 -17.08 15.17 13.17
C LEU B 207 -18.40 15.37 13.92
N LYS B 208 -18.34 16.05 15.06
CA LYS B 208 -19.55 16.46 15.79
C LYS B 208 -20.41 17.40 14.94
N SER B 209 -19.77 18.32 14.23
CA SER B 209 -20.48 19.26 13.35
C SER B 209 -21.12 18.54 12.16
N VAL B 210 -20.44 17.50 11.67
CA VAL B 210 -20.95 16.66 10.59
C VAL B 210 -22.16 15.82 11.05
N LEU B 211 -22.11 15.37 12.30
CA LEU B 211 -23.15 14.48 12.83
C LEU B 211 -24.36 15.20 13.41
N ASP B 212 -24.15 16.41 13.94
CA ASP B 212 -25.26 17.24 14.43
C ASP B 212 -25.04 18.71 14.09
O1 TLA C . 15.95 -4.09 2.92
O11 TLA C . 16.15 -5.53 4.58
C1 TLA C . 15.53 -5.06 3.61
C2 TLA C . 14.21 -5.69 3.24
O2 TLA C . 13.96 -5.52 1.84
C3 TLA C . 13.08 -5.10 4.11
O3 TLA C . 13.28 -3.70 4.36
C4 TLA C . 11.73 -5.31 3.48
O4 TLA C . 11.00 -4.30 3.33
O41 TLA C . 11.37 -6.46 3.13
O1 TLA D . -10.94 -4.98 -3.52
O11 TLA D . -11.14 -7.16 -3.54
C1 TLA D . -11.60 -6.01 -3.76
C2 TLA D . -12.98 -5.86 -4.34
O2 TLA D . -13.29 -4.46 -4.48
C3 TLA D . -14.05 -6.55 -3.48
O3 TLA D . -13.85 -6.26 -2.09
C4 TLA D . -15.43 -6.13 -3.88
O4 TLA D . -16.04 -5.30 -3.17
O41 TLA D . -15.91 -6.62 -4.93
#